data_3S7R
#
_entry.id   3S7R
#
_cell.length_a   43.150
_cell.length_b   41.856
_cell.length_c   55.146
_cell.angle_alpha   90.00
_cell.angle_beta   92.65
_cell.angle_gamma   90.00
#
_symmetry.space_group_name_H-M   'P 1 21 1'
#
loop_
_entity.id
_entity.type
_entity.pdbx_description
1 polymer 'Heterogeneous nuclear ribonucleoprotein A/B'
2 non-polymer 'UNKNOWN LIGAND'
3 water water
#
_entity_poly.entity_id   1
_entity_poly.type   'polypeptide(L)'
_entity_poly.pdbx_seq_one_letter_code
;GINASKNEEDAGK(MSE)FVGGLSWDTSKKDLKDYFTKFGEVVDCTIK(MSE)DPNTGRSRGFGFILFKDAASVEKVLDQ
KEHRLDGRVIDPKKA
;
_entity_poly.pdbx_strand_id   A,B
#
# COMPACT_ATOMS: atom_id res chain seq x y z
N ASN A 7 -6.12 -9.14 -19.81
CA ASN A 7 -5.75 -9.79 -18.56
C ASN A 7 -6.68 -10.96 -18.27
N GLU A 8 -6.13 -12.09 -17.81
CA GLU A 8 -6.91 -13.29 -17.49
C GLU A 8 -7.43 -13.22 -16.04
N GLU A 9 -6.62 -12.68 -15.12
CA GLU A 9 -7.03 -12.50 -13.74
C GLU A 9 -7.06 -11.01 -13.45
N ASP A 10 -7.85 -10.60 -12.42
CA ASP A 10 -7.91 -9.24 -11.90
C ASP A 10 -6.47 -8.67 -11.74
N ALA A 11 -6.23 -7.47 -12.27
CA ALA A 11 -4.94 -6.77 -12.32
C ALA A 11 -4.30 -6.50 -10.93
N GLY A 12 -5.12 -6.48 -9.87
CA GLY A 12 -4.69 -6.24 -8.50
C GLY A 12 -4.50 -7.48 -7.66
N LYS A 13 -4.73 -8.65 -8.25
CA LYS A 13 -4.66 -9.95 -7.59
C LYS A 13 -3.30 -10.63 -7.80
N PHE A 15 -0.81 -14.18 -6.62
CA PHE A 15 -0.56 -15.49 -6.06
C PHE A 15 0.58 -15.33 -5.07
N VAL A 16 0.54 -16.06 -3.94
CA VAL A 16 1.62 -16.02 -2.92
C VAL A 16 1.91 -17.43 -2.46
N GLY A 17 2.98 -18.00 -2.98
CA GLY A 17 3.41 -19.35 -2.60
C GLY A 17 4.44 -19.36 -1.48
N GLY A 18 4.76 -20.54 -0.98
CA GLY A 18 5.77 -20.72 0.05
C GLY A 18 5.40 -20.24 1.45
N LEU A 19 4.08 -20.12 1.72
CA LEU A 19 3.56 -19.71 3.03
C LEU A 19 3.84 -20.73 4.13
N SER A 20 4.30 -20.22 5.30
CA SER A 20 4.56 -21.03 6.49
C SER A 20 3.22 -21.47 7.09
N TRP A 21 3.15 -22.64 7.73
CA TRP A 21 1.89 -23.12 8.32
C TRP A 21 1.36 -22.13 9.41
N ASP A 22 2.27 -21.41 10.10
CA ASP A 22 1.91 -20.53 11.21
C ASP A 22 1.57 -19.11 10.74
N THR A 23 1.48 -18.89 9.41
CA THR A 23 1.08 -17.59 8.84
C THR A 23 -0.44 -17.57 8.77
N SER A 24 -1.05 -16.61 9.44
CA SER A 24 -2.50 -16.42 9.43
C SER A 24 -2.93 -15.48 8.28
N LYS A 25 -4.25 -15.38 8.02
CA LYS A 25 -4.83 -14.47 7.01
C LYS A 25 -4.44 -13.01 7.40
N LYS A 26 -4.51 -12.69 8.69
CA LYS A 26 -4.11 -11.37 9.23
C LYS A 26 -2.60 -11.11 9.01
N ASP A 27 -1.72 -12.11 9.29
CA ASP A 27 -0.27 -11.99 9.05
C ASP A 27 0.00 -11.70 7.58
N LEU A 28 -0.69 -12.41 6.66
CA LEU A 28 -0.60 -12.25 5.21
C LEU A 28 -0.96 -10.80 4.79
N LYS A 29 -2.13 -10.31 5.27
CA LYS A 29 -2.66 -8.97 5.04
CA LYS A 29 -2.65 -8.97 5.04
C LYS A 29 -1.67 -7.89 5.53
N ASP A 30 -1.11 -8.07 6.76
CA ASP A 30 -0.18 -7.11 7.36
C ASP A 30 1.11 -7.04 6.58
N TYR A 31 1.61 -8.16 6.05
CA TYR A 31 2.85 -8.10 5.27
C TYR A 31 2.67 -7.24 3.99
N PHE A 32 1.60 -7.48 3.25
CA PHE A 32 1.39 -6.80 1.99
C PHE A 32 0.84 -5.39 2.13
N THR A 33 0.44 -4.97 3.35
CA THR A 33 -0.01 -3.59 3.65
C THR A 33 1.16 -2.61 3.40
N LYS A 34 2.40 -3.11 3.42
CA LYS A 34 3.63 -2.34 3.18
C LYS A 34 3.72 -1.83 1.73
N PHE A 35 2.98 -2.43 0.79
CA PHE A 35 3.03 -2.15 -0.66
C PHE A 35 1.75 -1.52 -1.20
N GLY A 36 0.65 -1.63 -0.48
CA GLY A 36 -0.61 -1.01 -0.90
C GLY A 36 -1.70 -1.38 0.08
N GLU A 37 -2.93 -0.95 -0.16
CA GLU A 37 -4.07 -1.35 0.68
C GLU A 37 -4.55 -2.71 0.23
N VAL A 38 -4.58 -3.68 1.16
CA VAL A 38 -5.04 -5.02 0.88
C VAL A 38 -6.55 -5.07 1.16
N VAL A 39 -7.34 -5.18 0.11
CA VAL A 39 -8.78 -5.27 0.14
C VAL A 39 -9.18 -6.61 0.82
N ASP A 40 -8.55 -7.72 0.42
CA ASP A 40 -8.81 -9.05 0.97
C ASP A 40 -7.65 -10.00 0.67
N CYS A 41 -7.64 -11.15 1.33
CA CYS A 41 -6.64 -12.18 1.06
C CYS A 41 -7.18 -13.52 1.49
N THR A 42 -6.51 -14.56 1.08
CA THR A 42 -6.97 -15.90 1.40
C THR A 42 -5.80 -16.87 1.41
N ILE A 43 -5.90 -17.88 2.25
CA ILE A 43 -4.95 -19.00 2.29
C ILE A 43 -5.77 -20.19 1.88
N LYS A 44 -5.36 -20.81 0.77
CA LYS A 44 -6.07 -21.93 0.15
C LYS A 44 -5.93 -23.23 0.93
N ASP A 46 -7.17 -27.44 1.30
CA ASP A 46 -7.60 -28.58 0.50
C ASP A 46 -9.05 -28.88 0.91
N PRO A 47 -10.03 -28.83 -0.02
CA PRO A 47 -11.43 -29.08 0.38
C PRO A 47 -11.71 -30.50 0.89
N ASN A 48 -10.82 -31.44 0.58
CA ASN A 48 -11.00 -32.82 1.03
C ASN A 48 -10.39 -33.08 2.39
N THR A 49 -9.30 -32.36 2.75
CA THR A 49 -8.64 -32.65 4.03
C THR A 49 -8.78 -31.51 5.04
N GLY A 50 -8.97 -30.28 4.56
CA GLY A 50 -9.07 -29.11 5.42
C GLY A 50 -7.69 -28.55 5.75
N ARG A 51 -6.64 -29.24 5.26
CA ARG A 51 -5.24 -28.85 5.49
C ARG A 51 -4.82 -27.82 4.47
N SER A 52 -3.92 -26.91 4.87
CA SER A 52 -3.44 -25.85 4.01
C SER A 52 -2.71 -26.38 2.76
N ARG A 53 -2.87 -25.66 1.63
CA ARG A 53 -2.15 -26.02 0.41
C ARG A 53 -0.77 -25.29 0.36
N GLY A 54 -0.53 -24.44 1.34
CA GLY A 54 0.71 -23.70 1.49
C GLY A 54 0.86 -22.52 0.55
N PHE A 55 -0.26 -22.02 0.00
CA PHE A 55 -0.25 -20.83 -0.85
C PHE A 55 -1.53 -20.06 -0.70
N GLY A 56 -1.50 -18.79 -1.09
CA GLY A 56 -2.66 -17.93 -1.02
C GLY A 56 -2.75 -16.89 -2.10
N PHE A 57 -3.72 -16.02 -1.96
CA PHE A 57 -3.98 -14.92 -2.89
C PHE A 57 -4.22 -13.64 -2.11
N ILE A 58 -3.80 -12.50 -2.67
CA ILE A 58 -4.02 -11.17 -2.08
C ILE A 58 -4.68 -10.31 -3.13
N LEU A 59 -5.55 -9.38 -2.71
CA LEU A 59 -6.23 -8.42 -3.58
C LEU A 59 -5.92 -7.01 -3.10
N PHE A 60 -5.30 -6.21 -3.98
CA PHE A 60 -4.96 -4.82 -3.69
C PHE A 60 -6.06 -3.89 -4.13
N LYS A 61 -6.23 -2.76 -3.47
CA LYS A 61 -7.23 -1.74 -3.86
C LYS A 61 -6.81 -1.14 -5.20
N ASP A 62 -5.52 -0.80 -5.34
CA ASP A 62 -4.95 -0.25 -6.55
C ASP A 62 -3.92 -1.22 -7.11
N ALA A 63 -4.12 -1.60 -8.38
CA ALA A 63 -3.29 -2.54 -9.15
C ALA A 63 -1.83 -2.07 -9.30
N ALA A 64 -1.55 -0.76 -9.10
CA ALA A 64 -0.18 -0.20 -9.13
C ALA A 64 0.72 -0.85 -8.05
N SER A 65 0.11 -1.36 -6.94
CA SER A 65 0.83 -2.00 -5.83
C SER A 65 1.49 -3.32 -6.20
N VAL A 66 0.97 -4.05 -7.21
CA VAL A 66 1.49 -5.34 -7.68
C VAL A 66 2.95 -5.16 -8.19
N GLU A 67 3.19 -4.11 -9.00
CA GLU A 67 4.51 -3.76 -9.56
C GLU A 67 5.51 -3.44 -8.46
N LYS A 68 5.05 -2.84 -7.36
CA LYS A 68 5.88 -2.51 -6.19
C LYS A 68 6.28 -3.77 -5.43
N VAL A 69 5.39 -4.78 -5.39
CA VAL A 69 5.68 -6.07 -4.77
C VAL A 69 6.76 -6.76 -5.60
N LEU A 70 6.55 -6.81 -6.92
CA LEU A 70 7.48 -7.48 -7.86
C LEU A 70 8.83 -6.75 -8.01
N ASP A 71 8.90 -5.43 -7.71
CA ASP A 71 10.15 -4.67 -7.72
C ASP A 71 11.10 -5.16 -6.62
N GLN A 72 10.54 -5.62 -5.47
CA GLN A 72 11.32 -6.17 -4.35
C GLN A 72 11.65 -7.64 -4.67
N LYS A 73 12.94 -7.94 -4.92
CA LYS A 73 13.40 -9.26 -5.36
C LYS A 73 13.21 -10.39 -4.35
N GLU A 74 13.24 -10.08 -3.04
CA GLU A 74 13.09 -11.09 -2.00
C GLU A 74 12.06 -10.69 -0.96
N HIS A 75 11.16 -11.63 -0.62
CA HIS A 75 10.09 -11.48 0.33
C HIS A 75 10.15 -12.54 1.37
N ARG A 76 10.16 -12.10 2.63
CA ARG A 76 10.23 -12.97 3.79
C ARG A 76 9.09 -12.71 4.77
N LEU A 77 8.38 -13.79 5.20
CA LEU A 77 7.26 -13.72 6.13
C LEU A 77 7.27 -14.91 7.10
N ASP A 78 7.25 -14.61 8.41
CA ASP A 78 7.22 -15.58 9.51
C ASP A 78 8.34 -16.66 9.35
N GLY A 79 9.56 -16.16 9.03
CA GLY A 79 10.79 -16.92 8.84
C GLY A 79 10.88 -17.77 7.58
N ARG A 80 10.16 -17.39 6.52
CA ARG A 80 10.16 -18.15 5.28
C ARG A 80 10.27 -17.27 4.06
N VAL A 81 10.91 -17.77 2.99
CA VAL A 81 10.96 -17.05 1.72
C VAL A 81 9.61 -17.32 1.02
N ILE A 82 8.84 -16.25 0.78
CA ILE A 82 7.52 -16.36 0.14
C ILE A 82 7.67 -15.96 -1.35
N ASP A 83 6.75 -16.42 -2.17
CA ASP A 83 6.85 -16.29 -3.62
C ASP A 83 5.68 -15.51 -4.25
N PRO A 84 5.66 -14.12 -4.21
CA PRO A 84 4.55 -13.38 -4.83
CA PRO A 84 4.53 -13.40 -4.84
C PRO A 84 4.67 -13.34 -6.35
N LYS A 85 3.56 -13.51 -7.04
CA LYS A 85 3.48 -13.54 -8.52
C LYS A 85 2.18 -12.93 -8.98
N LYS A 86 2.14 -12.34 -10.20
CA LYS A 86 0.90 -11.83 -10.82
C LYS A 86 0.00 -13.05 -11.00
N ALA A 87 -1.26 -13.00 -10.51
CA ALA A 87 -2.11 -14.20 -10.58
C ALA A 87 -2.62 -14.43 -12.01
N GLU B 8 11.36 12.41 15.27
CA GLU B 8 10.66 13.55 15.86
C GLU B 8 9.15 13.50 15.54
N GLU B 9 8.78 13.09 14.32
CA GLU B 9 7.38 12.91 13.95
C GLU B 9 7.13 11.42 13.72
N ASP B 10 5.86 10.97 13.81
CA ASP B 10 5.42 9.60 13.57
C ASP B 10 6.06 9.10 12.26
N ALA B 11 6.72 7.91 12.33
CA ALA B 11 7.46 7.27 11.24
C ALA B 11 6.65 7.03 9.94
N GLY B 12 5.32 6.93 10.02
CA GLY B 12 4.46 6.72 8.86
C GLY B 12 3.74 7.95 8.34
N LYS B 13 4.13 9.13 8.83
CA LYS B 13 3.53 10.42 8.46
C LYS B 13 4.37 11.18 7.43
N PHE B 15 4.58 14.76 4.81
CA PHE B 15 4.18 16.06 4.31
C PHE B 15 4.00 15.91 2.80
N VAL B 16 2.99 16.58 2.22
CA VAL B 16 2.71 16.53 0.78
C VAL B 16 2.42 17.95 0.33
N GLY B 17 3.40 18.59 -0.31
CA GLY B 17 3.24 19.96 -0.82
C GLY B 17 2.87 20.03 -2.30
N GLY B 18 2.56 21.23 -2.74
CA GLY B 18 2.23 21.49 -4.13
C GLY B 18 0.90 20.97 -4.63
N LEU B 19 -0.04 20.67 -3.69
CA LEU B 19 -1.40 20.17 -4.00
C LEU B 19 -2.21 21.16 -4.82
N SER B 20 -2.93 20.64 -5.83
CA SER B 20 -3.84 21.43 -6.68
C SER B 20 -5.07 21.78 -5.86
N TRP B 21 -5.70 22.93 -6.13
CA TRP B 21 -6.89 23.34 -5.37
C TRP B 21 -8.05 22.30 -5.53
N ASP B 22 -8.13 21.60 -6.69
CA ASP B 22 -9.23 20.68 -6.99
C ASP B 22 -8.95 19.26 -6.48
N THR B 23 -7.86 19.07 -5.70
CA THR B 23 -7.53 17.78 -5.08
C THR B 23 -8.29 17.70 -3.77
N SER B 24 -9.17 16.71 -3.64
CA SER B 24 -9.93 16.49 -2.41
C SER B 24 -9.14 15.54 -1.45
N LYS B 25 -9.64 15.38 -0.19
CA LYS B 25 -9.08 14.48 0.83
C LYS B 25 -9.12 13.05 0.26
N LYS B 26 -10.23 12.68 -0.39
CA LYS B 26 -10.41 11.37 -1.04
C LYS B 26 -9.41 11.19 -2.20
N ASP B 27 -9.21 12.21 -3.05
CA ASP B 27 -8.22 12.16 -4.15
C ASP B 27 -6.83 11.91 -3.59
N LEU B 28 -6.46 12.63 -2.50
CA LEU B 28 -5.16 12.50 -1.80
C LEU B 28 -4.95 11.06 -1.29
N LYS B 29 -5.96 10.50 -0.60
CA LYS B 29 -5.95 9.16 -0.04
C LYS B 29 -5.84 8.09 -1.14
N ASP B 30 -6.57 8.26 -2.27
CA ASP B 30 -6.54 7.33 -3.40
C ASP B 30 -5.18 7.33 -4.07
N TYR B 31 -4.52 8.50 -4.19
CA TYR B 31 -3.19 8.49 -4.81
C TYR B 31 -2.19 7.66 -3.98
N PHE B 32 -2.13 7.89 -2.66
CA PHE B 32 -1.17 7.23 -1.82
C PHE B 32 -1.52 5.78 -1.46
N THR B 33 -2.73 5.31 -1.79
CA THR B 33 -3.18 3.92 -1.61
C THR B 33 -2.30 2.97 -2.48
N LYS B 34 -1.64 3.53 -3.50
CA LYS B 34 -0.74 2.84 -4.42
C LYS B 34 0.55 2.37 -3.72
N PHE B 35 0.91 2.96 -2.57
CA PHE B 35 2.15 2.74 -1.84
C PHE B 35 1.97 2.07 -0.49
N GLY B 36 0.75 2.10 0.04
CA GLY B 36 0.45 1.44 1.32
C GLY B 36 -0.98 1.73 1.70
N GLU B 37 -1.42 1.23 2.85
CA GLU B 37 -2.76 1.57 3.35
C GLU B 37 -2.70 2.93 4.02
N VAL B 38 -3.53 3.86 3.58
CA VAL B 38 -3.61 5.22 4.14
C VAL B 38 -4.66 5.19 5.26
N VAL B 39 -4.19 5.29 6.52
CA VAL B 39 -5.02 5.31 7.71
C VAL B 39 -5.85 6.63 7.70
N ASP B 40 -5.22 7.77 7.38
CA ASP B 40 -5.87 9.09 7.34
C ASP B 40 -5.02 10.08 6.56
N CYS B 41 -5.63 11.21 6.18
CA CYS B 41 -4.95 12.28 5.50
C CYS B 41 -5.68 13.57 5.73
N THR B 42 -5.00 14.65 5.42
CA THR B 42 -5.58 15.96 5.65
C THR B 42 -5.00 16.99 4.69
N ILE B 43 -5.82 17.97 4.34
CA ILE B 43 -5.40 19.12 3.55
C ILE B 43 -5.55 20.29 4.49
N LYS B 44 -4.42 20.95 4.77
CA LYS B 44 -4.34 22.03 5.73
C LYS B 44 -4.99 23.31 5.23
N ASP B 46 -6.13 27.46 6.20
CA ASP B 46 -5.74 28.60 7.03
C ASP B 46 -6.88 28.81 8.04
N PRO B 47 -6.64 28.73 9.36
CA PRO B 47 -7.74 28.92 10.33
C PRO B 47 -8.38 30.32 10.32
N ASN B 48 -7.68 31.31 9.76
CA ASN B 48 -8.20 32.67 9.70
C ASN B 48 -9.02 32.92 8.46
N THR B 49 -8.69 32.27 7.33
CA THR B 49 -9.41 32.57 6.08
C THR B 49 -10.30 31.40 5.64
N GLY B 50 -9.95 30.17 6.01
CA GLY B 50 -10.68 28.97 5.59
C GLY B 50 -10.20 28.47 4.24
N ARG B 51 -9.25 29.20 3.65
CA ARG B 51 -8.66 28.89 2.35
C ARG B 51 -7.54 27.89 2.52
N SER B 52 -7.35 27.01 1.52
CA SER B 52 -6.32 25.98 1.56
C SER B 52 -4.90 26.58 1.62
N ARG B 53 -4.00 25.87 2.33
CA ARG B 53 -2.62 26.30 2.41
C ARG B 53 -1.80 25.65 1.26
N GLY B 54 -2.45 24.78 0.48
CA GLY B 54 -1.85 24.10 -0.66
C GLY B 54 -0.93 22.94 -0.30
N PHE B 55 -1.05 22.41 0.92
CA PHE B 55 -0.27 21.25 1.34
C PHE B 55 -1.07 20.41 2.31
N GLY B 56 -0.67 19.15 2.46
CA GLY B 56 -1.32 18.23 3.37
C GLY B 56 -0.41 17.23 4.02
N PHE B 57 -1.01 16.31 4.74
CA PHE B 57 -0.33 15.23 5.43
C PHE B 57 -1.04 13.92 5.19
N ILE B 58 -0.30 12.83 5.18
CA ILE B 58 -0.82 11.46 5.02
C ILE B 58 -0.25 10.60 6.14
N LEU B 59 -1.04 9.63 6.61
CA LEU B 59 -0.63 8.67 7.64
C LEU B 59 -0.81 7.25 7.09
N PHE B 60 0.29 6.49 7.04
CA PHE B 60 0.29 5.12 6.55
C PHE B 60 0.10 4.16 7.70
N LYS B 61 -0.51 3.00 7.45
CA LYS B 61 -0.67 1.95 8.47
C LYS B 61 0.70 1.38 8.84
N ASP B 62 1.52 1.13 7.81
CA ASP B 62 2.87 0.63 7.98
C ASP B 62 3.86 1.66 7.46
N ALA B 63 4.81 2.07 8.33
CA ALA B 63 5.84 3.07 8.06
C ALA B 63 6.77 2.68 6.91
N ALA B 64 6.84 1.38 6.55
CA ALA B 64 7.62 0.89 5.41
C ALA B 64 7.19 1.54 4.08
N SER B 65 5.91 1.99 3.99
CA SER B 65 5.32 2.62 2.79
C SER B 65 5.94 3.98 2.46
N VAL B 66 6.49 4.72 3.45
CA VAL B 66 7.11 6.02 3.29
C VAL B 66 8.33 5.92 2.33
N GLU B 67 9.19 4.89 2.55
CA GLU B 67 10.38 4.61 1.75
C GLU B 67 10.01 4.30 0.27
N LYS B 68 8.84 3.66 0.07
CA LYS B 68 8.32 3.32 -1.25
C LYS B 68 7.84 4.57 -1.98
N VAL B 69 7.29 5.55 -1.22
CA VAL B 69 6.87 6.84 -1.79
C VAL B 69 8.13 7.58 -2.25
N LEU B 70 9.13 7.66 -1.37
CA LEU B 70 10.38 8.38 -1.63
C LEU B 70 11.26 7.72 -2.72
N ASP B 71 11.09 6.41 -2.95
CA ASP B 71 11.81 5.68 -4.01
C ASP B 71 11.38 6.18 -5.39
N GLN B 72 10.09 6.58 -5.54
CA GLN B 72 9.55 7.11 -6.79
C GLN B 72 9.92 8.60 -6.89
N LYS B 73 10.81 8.94 -7.85
CA LYS B 73 11.38 10.28 -8.04
C LYS B 73 10.37 11.35 -8.43
N GLU B 74 9.26 10.99 -9.11
CA GLU B 74 8.26 11.96 -9.55
C GLU B 74 6.87 11.52 -9.16
N HIS B 75 6.08 12.45 -8.58
CA HIS B 75 4.70 12.19 -8.18
C HIS B 75 3.80 13.23 -8.79
N ARG B 76 2.77 12.80 -9.50
CA ARG B 76 1.84 13.78 -10.04
C ARG B 76 0.40 13.41 -9.70
N LEU B 77 -0.36 14.41 -9.28
CA LEU B 77 -1.74 14.25 -8.87
C LEU B 77 -2.59 15.42 -9.37
N ASP B 78 -3.69 15.10 -10.07
CA ASP B 78 -4.67 16.05 -10.62
C ASP B 78 -3.96 17.18 -11.44
N GLY B 79 -3.02 16.75 -12.30
CA GLY B 79 -2.24 17.62 -13.19
C GLY B 79 -1.18 18.48 -12.52
N ARG B 80 -0.74 18.11 -11.31
CA ARG B 80 0.31 18.84 -10.60
C ARG B 80 1.42 17.90 -10.12
N VAL B 81 2.66 18.39 -10.15
CA VAL B 81 3.83 17.69 -9.62
C VAL B 81 3.77 17.97 -8.13
N ILE B 82 3.42 16.97 -7.34
CA ILE B 82 3.26 17.10 -5.88
C ILE B 82 4.60 16.74 -5.21
N ASP B 83 4.77 17.12 -3.93
CA ASP B 83 6.06 17.05 -3.26
C ASP B 83 6.02 16.26 -1.93
N PRO B 84 5.98 14.90 -1.96
CA PRO B 84 5.97 14.14 -0.70
C PRO B 84 7.34 14.14 -0.04
N LYS B 85 7.37 14.29 1.29
CA LYS B 85 8.56 14.30 2.15
C LYS B 85 8.24 13.65 3.48
N LYS B 86 9.28 13.15 4.20
CA LYS B 86 9.12 12.61 5.55
C LYS B 86 8.74 13.78 6.46
N ALA B 87 7.68 13.64 7.29
CA ALA B 87 7.21 14.76 8.13
C ALA B 87 8.24 15.07 9.25
#